data_9MHN
#
_entry.id   9MHN
#
_cell.length_a   56.037
_cell.length_b   94.473
_cell.length_c   129.141
_cell.angle_alpha   90.00
_cell.angle_beta   90.00
_cell.angle_gamma   90.00
#
_symmetry.space_group_name_H-M   'P 21 21 21'
#
loop_
_entity.id
_entity.type
_entity.pdbx_description
1 polymer 'Phosphoribosylglycinamide formyltransferase'
2 non-polymer 'COBALT (II) ION'
3 water water
#
_entity_poly.entity_id   1
_entity_poly.type   'polypeptide(L)'
_entity_poly.pdbx_seq_one_letter_code
;SYYHHHHHHDYDIPTTENLYFQGA(MSE)VHRVWVETAHTHGGEYLKADLGYGEFPELEPIAKDRLHIFSKP(MSE)QLV
TEKGKEN(MSE)IQRGTYNYQYRSNRPVKDGSYLVTAEYQPTFRSKNKAGWKQAGIKE(MSE)PDASYCEQTR(MSE)FG
KNIVNVGHESADTAIITKPVGQNLEIVPLDNPANIHVGERFKVRVLFRGEPLPNATVTATFDGFDTSDRSKTHKTEAQAF
SDTTDGKGEVDIIPLRQGFWKASVEYKADFPDQSLCQKQANYTTLTFQIGHSHH
;
_entity_poly.pdbx_strand_id   A,B
#
loop_
_chem_comp.id
_chem_comp.type
_chem_comp.name
_chem_comp.formula
CO non-polymer 'COBALT (II) ION' 'Co 2'
#
# COMPACT_ATOMS: atom_id res chain seq x y z
N MSE A 25 20.64 0.91 -6.08
CA MSE A 25 19.57 1.71 -5.49
C MSE A 25 19.52 1.54 -3.97
O MSE A 25 20.54 1.64 -3.29
CB MSE A 25 18.22 1.32 -6.10
N VAL A 26 18.32 1.32 -3.44
CA VAL A 26 18.12 1.06 -2.02
C VAL A 26 18.21 -0.45 -1.79
N HIS A 27 18.78 -0.85 -0.66
CA HIS A 27 19.00 -2.26 -0.33
C HIS A 27 18.21 -2.61 0.91
N ARG A 28 17.41 -3.68 0.82
CA ARG A 28 16.64 -4.19 1.94
C ARG A 28 16.96 -5.66 2.14
N VAL A 29 16.65 -6.16 3.33
CA VAL A 29 17.03 -7.51 3.75
C VAL A 29 15.79 -8.39 3.74
N TRP A 30 15.90 -9.57 3.13
CA TRP A 30 14.85 -10.57 3.21
C TRP A 30 15.49 -11.94 3.18
N VAL A 31 14.69 -12.98 3.41
CA VAL A 31 15.15 -14.35 3.48
C VAL A 31 14.28 -15.22 2.59
N GLU A 32 14.89 -16.21 1.93
CA GLU A 32 14.14 -17.11 1.07
C GLU A 32 14.60 -18.55 1.28
N THR A 33 13.65 -19.46 1.49
CA THR A 33 13.97 -20.87 1.69
C THR A 33 13.38 -21.70 0.55
N ALA A 34 14.18 -22.66 0.07
CA ALA A 34 13.74 -23.56 -0.98
C ALA A 34 12.84 -24.65 -0.41
N HIS A 35 12.10 -25.31 -1.30
CA HIS A 35 11.16 -26.35 -0.90
C HIS A 35 11.92 -27.51 -0.28
N THR A 36 11.60 -27.82 0.97
CA THR A 36 12.29 -28.84 1.75
C THR A 36 11.31 -29.89 2.23
N HIS A 37 11.66 -31.16 2.04
CA HIS A 37 10.92 -32.28 2.60
C HIS A 37 11.66 -32.82 3.82
N GLY A 38 10.98 -33.69 4.55
CA GLY A 38 11.54 -34.22 5.78
C GLY A 38 12.78 -35.07 5.53
N GLY A 39 13.76 -34.93 6.42
CA GLY A 39 14.99 -35.68 6.33
C GLY A 39 16.13 -34.98 5.61
N GLU A 40 15.86 -33.86 4.96
CA GLU A 40 16.88 -33.13 4.20
C GLU A 40 17.44 -31.99 5.03
N TYR A 41 18.48 -31.37 4.49
CA TYR A 41 18.99 -30.11 5.03
C TYR A 41 18.18 -28.94 4.47
N LEU A 42 18.11 -27.87 5.23
CA LEU A 42 17.31 -26.70 4.86
C LEU A 42 18.21 -25.69 4.18
N LYS A 43 18.03 -25.53 2.86
CA LYS A 43 18.76 -24.54 2.09
C LYS A 43 18.05 -23.19 2.20
N ALA A 44 18.78 -22.16 2.63
CA ALA A 44 18.22 -20.84 2.79
C ALA A 44 19.14 -19.80 2.15
N ASP A 45 18.57 -18.64 1.85
CA ASP A 45 19.26 -17.59 1.13
C ASP A 45 18.97 -16.26 1.78
N LEU A 46 20.03 -15.47 2.00
CA LEU A 46 19.96 -14.14 2.57
C LEU A 46 20.04 -13.12 1.43
N GLY A 47 18.96 -12.38 1.21
CA GLY A 47 18.93 -11.37 0.17
C GLY A 47 19.14 -9.98 0.75
N TYR A 48 20.16 -9.30 0.23
CA TYR A 48 20.43 -7.91 0.57
C TYR A 48 20.43 -7.09 -0.71
N GLY A 49 19.29 -6.48 -1.02
CA GLY A 49 19.15 -5.71 -2.24
C GLY A 49 17.72 -5.41 -2.60
N GLU A 50 17.38 -5.62 -3.88
CA GLU A 50 16.03 -5.36 -4.39
C GLU A 50 15.31 -6.70 -4.53
N PHE A 51 14.26 -6.90 -3.74
CA PHE A 51 13.46 -8.10 -3.83
C PHE A 51 12.93 -8.26 -5.25
N PRO A 52 12.89 -9.50 -5.78
CA PRO A 52 13.31 -10.76 -5.16
C PRO A 52 14.67 -11.25 -5.66
N GLU A 53 15.49 -10.37 -6.22
CA GLU A 53 16.75 -10.79 -6.83
C GLU A 53 17.79 -11.08 -5.75
N LEU A 54 18.19 -12.35 -5.66
CA LEU A 54 19.33 -12.71 -4.82
C LEU A 54 20.62 -12.25 -5.49
N GLU A 55 21.48 -11.60 -4.74
CA GLU A 55 22.76 -11.14 -5.26
C GLU A 55 23.83 -11.28 -4.19
N PRO A 56 25.07 -11.57 -4.60
CA PRO A 56 26.16 -11.70 -3.62
C PRO A 56 26.44 -10.38 -2.93
N ILE A 57 26.67 -10.46 -1.62
CA ILE A 57 26.98 -9.26 -0.85
C ILE A 57 28.40 -8.81 -1.15
N ALA A 58 28.58 -7.51 -1.38
CA ALA A 58 29.85 -6.97 -1.81
C ALA A 58 30.88 -7.05 -0.68
N LYS A 59 32.15 -6.88 -1.05
CA LYS A 59 33.23 -7.02 -0.06
C LYS A 59 33.21 -5.87 0.93
N ASP A 60 32.88 -4.66 0.47
CA ASP A 60 32.77 -3.51 1.37
C ASP A 60 31.57 -3.59 2.30
N ARG A 61 30.66 -4.55 2.08
CA ARG A 61 29.50 -4.73 2.94
C ARG A 61 29.46 -6.11 3.58
N LEU A 62 30.61 -6.78 3.70
CA LEU A 62 30.66 -8.07 4.37
C LEU A 62 30.62 -7.92 5.89
N HIS A 63 31.11 -6.80 6.41
CA HIS A 63 31.16 -6.60 7.85
C HIS A 63 29.80 -6.28 8.45
N ILE A 64 28.84 -5.82 7.65
CA ILE A 64 27.52 -5.51 8.20
C ILE A 64 26.66 -6.76 8.38
N PHE A 65 27.09 -7.90 7.85
CA PHE A 65 26.45 -9.16 8.14
C PHE A 65 27.41 -10.04 8.94
N SER A 66 27.79 -9.58 10.14
CA SER A 66 28.78 -10.27 10.94
C SER A 66 28.32 -11.65 11.36
N LYS A 67 27.06 -11.78 11.73
CA LYS A 67 26.61 -13.03 12.32
C LYS A 67 25.78 -13.84 11.33
N PRO A 68 25.88 -15.16 11.36
CA PRO A 68 25.13 -15.99 10.41
C PRO A 68 23.64 -16.01 10.74
N MSE A 69 22.85 -16.34 9.73
CA MSE A 69 21.41 -16.48 9.89
C MSE A 69 21.10 -17.57 10.91
O MSE A 69 21.83 -18.55 11.02
CB MSE A 69 20.74 -16.81 8.55
CG MSE A 69 20.88 -15.74 7.50
SE MSE A 69 19.52 -15.86 6.12
CE MSE A 69 19.78 -17.70 5.60
N GLN A 70 20.02 -17.38 11.66
CA GLN A 70 19.63 -18.34 12.69
C GLN A 70 18.37 -19.09 12.27
N LEU A 71 18.22 -20.29 12.81
CA LEU A 71 17.07 -21.15 12.55
C LEU A 71 16.37 -21.44 13.87
N VAL A 72 15.07 -21.20 13.93
CA VAL A 72 14.30 -21.33 15.16
C VAL A 72 13.53 -22.64 15.12
N THR A 73 13.73 -23.48 16.14
CA THR A 73 13.03 -24.75 16.28
C THR A 73 12.54 -24.89 17.71
N GLU A 74 11.93 -26.05 18.01
CA GLU A 74 11.43 -26.33 19.35
C GLU A 74 12.53 -26.28 20.40
N LYS A 75 13.79 -26.45 20.00
CA LYS A 75 14.91 -26.40 20.92
C LYS A 75 15.46 -24.99 21.09
N GLY A 76 15.11 -24.06 20.21
CA GLY A 76 15.60 -22.70 20.33
C GLY A 76 16.20 -22.15 19.04
N LYS A 77 17.16 -21.25 19.19
CA LYS A 77 17.80 -20.59 18.05
C LYS A 77 19.15 -21.24 17.78
N GLU A 78 19.34 -21.72 16.56
CA GLU A 78 20.56 -22.42 16.16
C GLU A 78 21.25 -21.65 15.05
N ASN A 79 22.58 -21.56 15.13
CA ASN A 79 23.34 -20.91 14.06
C ASN A 79 23.40 -21.81 12.84
N MSE A 80 23.18 -21.23 11.66
CA MSE A 80 23.37 -21.96 10.41
C MSE A 80 24.79 -21.73 9.91
O MSE A 80 25.50 -20.85 10.39
CB MSE A 80 22.35 -21.50 9.36
CG MSE A 80 20.90 -21.66 9.77
SE MSE A 80 19.66 -21.15 8.37
CE MSE A 80 19.72 -22.76 7.27
N ILE A 81 25.20 -22.53 8.92
CA ILE A 81 26.54 -22.42 8.35
C ILE A 81 26.42 -21.95 6.91
N GLN A 82 27.47 -21.29 6.43
CA GLN A 82 27.51 -20.71 5.10
C GLN A 82 28.22 -21.69 4.16
N ARG A 83 27.47 -22.28 3.24
CA ARG A 83 28.00 -23.26 2.30
C ARG A 83 27.29 -23.10 0.97
N GLY A 84 28.06 -22.93 -0.09
CA GLY A 84 27.49 -22.78 -1.41
C GLY A 84 28.44 -22.05 -2.33
N THR A 85 28.00 -21.89 -3.58
CA THR A 85 28.81 -21.18 -4.56
C THR A 85 28.85 -19.69 -4.27
N TYR A 86 27.78 -19.14 -3.69
CA TYR A 86 27.70 -17.73 -3.36
C TYR A 86 27.69 -17.53 -1.84
N ASN A 87 28.01 -16.32 -1.42
CA ASN A 87 28.14 -16.01 0.00
C ASN A 87 26.79 -15.78 0.70
N TYR A 88 25.69 -15.80 -0.03
CA TYR A 88 24.37 -15.61 0.57
C TYR A 88 23.66 -16.93 0.87
N GLN A 89 24.28 -18.06 0.53
CA GLN A 89 23.65 -19.37 0.75
C GLN A 89 24.01 -19.90 2.12
N TYR A 90 23.05 -20.56 2.77
CA TYR A 90 23.23 -21.15 4.08
C TYR A 90 22.51 -22.50 4.10
N ARG A 91 22.98 -23.39 4.97
CA ARG A 91 22.31 -24.65 5.22
C ARG A 91 22.34 -24.93 6.71
N SER A 92 21.38 -25.72 7.18
CA SER A 92 21.30 -26.05 8.58
C SER A 92 22.44 -27.00 8.97
N ASN A 93 22.68 -27.11 10.28
CA ASN A 93 23.75 -27.98 10.76
C ASN A 93 23.37 -29.45 10.61
N ARG A 94 22.13 -29.79 10.94
CA ARG A 94 21.61 -31.14 10.86
C ARG A 94 20.25 -31.12 10.18
N PRO A 95 19.86 -32.23 9.55
CA PRO A 95 18.53 -32.29 8.95
C PRO A 95 17.44 -32.20 10.00
N VAL A 96 16.25 -31.78 9.56
CA VAL A 96 15.12 -31.55 10.44
C VAL A 96 13.93 -32.38 9.98
N LYS A 97 13.01 -32.62 10.90
CA LYS A 97 11.80 -33.38 10.62
C LYS A 97 10.77 -32.48 9.93
N ASP A 98 9.62 -33.06 9.60
CA ASP A 98 8.52 -32.27 9.08
C ASP A 98 8.03 -31.29 10.14
N GLY A 99 7.61 -30.12 9.71
CA GLY A 99 7.12 -29.13 10.65
C GLY A 99 7.13 -27.74 10.04
N SER A 100 7.10 -26.74 10.92
CA SER A 100 7.04 -25.34 10.52
C SER A 100 7.99 -24.55 11.41
N TYR A 101 8.97 -23.89 10.80
CA TYR A 101 10.00 -23.17 11.53
C TYR A 101 10.18 -21.78 10.96
N LEU A 102 11.05 -21.01 11.60
CA LEU A 102 11.44 -19.69 11.14
C LEU A 102 12.94 -19.67 10.86
N VAL A 103 13.35 -18.80 9.94
CA VAL A 103 14.75 -18.53 9.67
C VAL A 103 14.94 -17.02 9.61
N THR A 104 15.86 -16.50 10.42
CA THR A 104 16.00 -15.07 10.63
C THR A 104 17.39 -14.58 10.23
N ALA A 105 17.44 -13.35 9.72
CA ALA A 105 18.66 -12.68 9.34
C ALA A 105 18.63 -11.25 9.84
N GLU A 106 19.82 -10.67 10.04
CA GLU A 106 19.95 -9.35 10.62
C GLU A 106 21.07 -8.58 9.95
N TYR A 107 20.80 -7.32 9.64
CA TYR A 107 21.78 -6.35 9.20
C TYR A 107 22.29 -5.65 10.44
N GLN A 108 23.57 -5.82 10.75
CA GLN A 108 24.11 -5.33 12.01
C GLN A 108 24.00 -3.81 12.07
N PRO A 109 23.81 -3.25 13.26
CA PRO A 109 23.63 -1.80 13.38
C PRO A 109 24.86 -1.05 12.89
N THR A 110 24.65 -0.14 11.93
CA THR A 110 25.74 0.67 11.42
C THR A 110 25.38 2.14 11.50
N PHE A 111 26.39 3.00 11.44
CA PHE A 111 26.23 4.44 11.60
C PHE A 111 26.58 5.16 10.30
N ARG A 112 25.78 6.18 9.97
CA ARG A 112 26.00 6.98 8.77
C ARG A 112 25.65 8.43 9.08
N SER A 113 26.12 9.33 8.20
CA SER A 113 25.88 10.76 8.35
C SER A 113 25.07 11.27 7.16
N LYS A 114 24.05 12.06 7.43
CA LYS A 114 23.21 12.64 6.38
C LYS A 114 23.03 14.14 6.63
N ASN A 115 22.22 14.77 5.80
CA ASN A 115 21.98 16.20 5.92
C ASN A 115 20.55 16.56 5.48
N SER A 131 23.65 18.43 9.11
CA SER A 131 24.04 17.02 9.12
C SER A 131 23.66 16.35 10.44
N TYR A 132 23.55 15.03 10.42
CA TYR A 132 23.19 14.29 11.63
C TYR A 132 23.57 12.83 11.46
N CYS A 133 23.81 12.18 12.60
CA CYS A 133 24.10 10.76 12.65
C CYS A 133 22.81 9.95 12.61
N GLU A 134 22.88 8.76 12.00
CA GLU A 134 21.74 7.86 11.95
C GLU A 134 22.24 6.43 12.01
N GLN A 135 21.59 5.62 12.84
CA GLN A 135 21.91 4.21 12.99
C GLN A 135 20.91 3.39 12.20
N THR A 136 21.40 2.62 11.23
CA THR A 136 20.56 1.78 10.41
C THR A 136 20.64 0.33 10.89
N ARG A 137 19.47 -0.30 10.96
CA ARG A 137 19.33 -1.73 11.26
C ARG A 137 18.26 -2.31 10.35
N MSE A 138 18.43 -3.57 9.97
CA MSE A 138 17.46 -4.26 9.14
C MSE A 138 17.28 -5.71 9.59
O MSE A 138 18.19 -6.30 10.15
CB MSE A 138 17.89 -4.24 7.66
CG MSE A 138 18.11 -2.85 7.10
SE MSE A 138 18.42 -2.86 5.19
CE MSE A 138 18.76 -0.95 4.96
N PHE A 139 16.09 -6.27 9.36
CA PHE A 139 15.78 -7.59 9.84
C PHE A 139 14.98 -8.35 8.79
N GLY A 140 15.10 -9.67 8.80
CA GLY A 140 14.32 -10.50 7.92
C GLY A 140 13.94 -11.81 8.56
N LYS A 141 12.74 -12.29 8.30
CA LYS A 141 12.27 -13.56 8.86
C LYS A 141 11.45 -14.29 7.80
N ASN A 142 11.72 -15.59 7.66
CA ASN A 142 11.02 -16.42 6.68
C ASN A 142 10.38 -17.60 7.40
N ILE A 143 9.12 -17.88 7.05
CA ILE A 143 8.40 -19.04 7.55
C ILE A 143 8.61 -20.19 6.58
N VAL A 144 9.06 -21.33 7.10
CA VAL A 144 9.35 -22.49 6.27
C VAL A 144 8.50 -23.66 6.76
N ASN A 145 7.69 -24.22 5.86
CA ASN A 145 6.86 -25.39 6.14
C ASN A 145 7.47 -26.59 5.43
N VAL A 146 8.27 -27.36 6.15
CA VAL A 146 8.86 -28.58 5.59
C VAL A 146 7.84 -29.70 5.68
N GLY A 147 7.40 -30.20 4.53
CA GLY A 147 6.31 -31.17 4.47
C GLY A 147 5.01 -30.53 4.03
N HIS A 148 4.30 -31.18 3.13
CA HIS A 148 3.06 -30.63 2.59
C HIS A 148 1.91 -30.67 3.58
N GLU A 149 2.07 -31.32 4.73
CA GLU A 149 0.98 -31.53 5.67
C GLU A 149 1.12 -30.75 6.98
N SER A 150 2.29 -30.20 7.27
CA SER A 150 2.53 -29.53 8.53
C SER A 150 2.22 -28.04 8.43
N ALA A 151 1.46 -27.54 9.40
CA ALA A 151 1.12 -26.12 9.50
C ALA A 151 1.05 -25.70 10.95
N ASP A 152 1.98 -26.20 11.76
CA ASP A 152 1.99 -25.90 13.18
C ASP A 152 2.28 -24.43 13.44
N THR A 153 1.74 -23.92 14.54
CA THR A 153 1.85 -22.50 14.87
C THR A 153 2.59 -22.24 16.18
N ALA A 154 3.11 -23.27 16.84
CA ALA A 154 3.72 -23.06 18.15
C ALA A 154 5.01 -22.25 18.04
N ILE A 155 5.86 -22.60 17.09
CA ILE A 155 7.18 -21.99 17.01
C ILE A 155 7.13 -20.63 16.33
N ILE A 156 6.32 -20.51 15.28
CA ILE A 156 6.38 -19.34 14.41
C ILE A 156 5.78 -18.11 15.07
N THR A 157 4.78 -18.30 15.94
CA THR A 157 4.07 -17.16 16.53
C THR A 157 4.79 -16.56 17.72
N LYS A 158 5.91 -17.12 18.15
CA LYS A 158 6.59 -16.54 19.31
C LYS A 158 7.63 -15.54 18.84
N PRO A 159 7.62 -14.31 19.37
CA PRO A 159 8.60 -13.31 18.94
C PRO A 159 10.03 -13.75 19.25
N VAL A 160 10.95 -13.34 18.37
CA VAL A 160 12.33 -13.77 18.46
C VAL A 160 13.24 -12.72 19.09
N GLY A 161 12.83 -11.45 19.11
CA GLY A 161 13.65 -10.40 19.67
C GLY A 161 14.23 -9.42 18.67
N GLN A 162 13.80 -9.47 17.41
CA GLN A 162 14.22 -8.45 16.45
C GLN A 162 13.71 -7.09 16.87
N ASN A 163 14.59 -6.09 16.81
CA ASN A 163 14.26 -4.74 17.25
C ASN A 163 12.93 -4.27 16.68
N LEU A 164 12.76 -4.41 15.37
CA LEU A 164 11.48 -4.24 14.70
C LEU A 164 11.10 -5.59 14.11
N GLU A 165 9.98 -6.15 14.57
CA GLU A 165 9.65 -7.54 14.26
C GLU A 165 8.22 -7.64 13.76
N ILE A 166 8.03 -8.50 12.77
CA ILE A 166 6.71 -8.89 12.28
C ILE A 166 6.48 -10.32 12.75
N VAL A 167 5.57 -10.49 13.69
CA VAL A 167 5.27 -11.79 14.29
C VAL A 167 3.95 -12.28 13.70
N PRO A 168 3.94 -13.41 13.00
CA PRO A 168 2.67 -13.94 12.50
C PRO A 168 1.85 -14.55 13.63
N LEU A 169 0.53 -14.51 13.46
CA LEU A 169 -0.39 -15.11 14.41
C LEU A 169 -1.13 -16.32 13.83
N ASP A 170 -0.68 -16.84 12.69
CA ASP A 170 -1.28 -18.01 12.05
C ASP A 170 -0.23 -18.61 11.13
N ASN A 171 -0.60 -19.70 10.46
CA ASN A 171 0.33 -20.29 9.51
C ASN A 171 -0.06 -19.88 8.10
N PRO A 172 0.91 -19.48 7.27
CA PRO A 172 0.59 -19.02 5.91
C PRO A 172 -0.04 -20.08 5.03
N ALA A 173 0.14 -21.37 5.34
CA ALA A 173 -0.49 -22.43 4.57
C ALA A 173 -1.99 -22.56 4.85
N ASN A 174 -2.46 -22.04 5.98
CA ASN A 174 -3.88 -22.09 6.31
C ASN A 174 -4.69 -20.98 5.65
N ILE A 175 -4.07 -20.16 4.80
CA ILE A 175 -4.71 -18.99 4.22
C ILE A 175 -4.85 -19.21 2.72
N HIS A 176 -6.10 -19.24 2.24
CA HIS A 176 -6.34 -19.24 0.80
C HIS A 176 -6.27 -17.81 0.27
N VAL A 177 -6.37 -17.69 -1.06
CA VAL A 177 -6.36 -16.37 -1.69
C VAL A 177 -7.66 -15.64 -1.34
N GLY A 178 -7.53 -14.42 -0.83
CA GLY A 178 -8.66 -13.63 -0.41
C GLY A 178 -8.91 -13.66 1.09
N GLU A 179 -8.40 -14.66 1.80
CA GLU A 179 -8.57 -14.74 3.24
C GLU A 179 -7.65 -13.74 3.93
N ARG A 180 -7.75 -13.68 5.25
CA ARG A 180 -7.03 -12.71 6.06
C ARG A 180 -5.90 -13.40 6.82
N PHE A 181 -4.69 -12.86 6.70
CA PHE A 181 -3.50 -13.36 7.38
C PHE A 181 -3.13 -12.35 8.45
N LYS A 182 -3.40 -12.68 9.71
CA LYS A 182 -3.25 -11.73 10.81
C LYS A 182 -1.84 -11.81 11.38
N VAL A 183 -1.15 -10.67 11.41
CA VAL A 183 0.19 -10.56 11.99
C VAL A 183 0.22 -9.36 12.92
N ARG A 184 1.32 -9.24 13.66
CA ARG A 184 1.51 -8.16 14.61
C ARG A 184 2.89 -7.53 14.41
N VAL A 185 2.99 -6.24 14.71
CA VAL A 185 4.23 -5.48 14.57
C VAL A 185 4.71 -5.09 15.96
N LEU A 186 5.95 -5.43 16.28
CA LEU A 186 6.54 -5.12 17.57
C LEU A 186 7.78 -4.24 17.36
N PHE A 187 7.93 -3.24 18.22
CA PHE A 187 9.11 -2.39 18.26
C PHE A 187 9.59 -2.28 19.71
N ARG A 188 10.83 -2.71 19.96
CA ARG A 188 11.38 -2.87 21.30
C ARG A 188 10.49 -3.70 22.21
N GLY A 189 9.85 -4.73 21.66
CA GLY A 189 9.01 -5.62 22.43
C GLY A 189 7.54 -5.24 22.46
N GLU A 190 7.24 -3.95 22.58
CA GLU A 190 5.88 -3.49 22.67
C GLU A 190 5.26 -3.37 21.28
N PRO A 191 3.93 -3.43 21.18
CA PRO A 191 3.27 -3.28 19.88
C PRO A 191 3.51 -1.88 19.31
N LEU A 192 3.51 -1.81 17.97
CA LEU A 192 3.74 -0.56 17.25
C LEU A 192 2.45 -0.16 16.55
N PRO A 193 1.62 0.69 17.16
CA PRO A 193 0.39 1.12 16.51
C PRO A 193 0.67 2.17 15.44
N ASN A 194 -0.29 2.31 14.53
CA ASN A 194 -0.22 3.29 13.45
C ASN A 194 1.06 3.12 12.63
N ALA A 195 1.35 1.88 12.25
CA ALA A 195 2.52 1.54 11.46
C ALA A 195 2.06 0.92 10.15
N THR A 196 2.60 1.41 9.04
CA THR A 196 2.19 0.95 7.72
C THR A 196 2.91 -0.35 7.37
N VAL A 197 2.13 -1.38 7.02
CA VAL A 197 2.65 -2.64 6.54
C VAL A 197 2.20 -2.82 5.09
N THR A 198 3.15 -3.04 4.20
CA THR A 198 2.86 -3.33 2.80
C THR A 198 3.24 -4.76 2.49
N ALA A 199 2.85 -5.23 1.31
CA ALA A 199 3.15 -6.60 0.92
C ALA A 199 3.06 -6.72 -0.59
N THR A 200 3.95 -7.54 -1.15
CA THR A 200 3.99 -7.83 -2.58
C THR A 200 4.37 -9.29 -2.75
N PHE A 201 4.46 -9.74 -4.01
CA PHE A 201 4.85 -11.11 -4.29
C PHE A 201 5.72 -11.16 -5.55
N ASP A 202 6.40 -12.28 -5.72
CA ASP A 202 7.29 -12.48 -6.86
C ASP A 202 6.47 -12.70 -8.12
N GLY A 203 6.57 -11.77 -9.06
CA GLY A 203 5.81 -11.80 -10.30
C GLY A 203 4.79 -10.70 -10.43
N PHE A 204 4.64 -9.83 -9.43
CA PHE A 204 3.66 -8.76 -9.52
C PHE A 204 4.17 -7.60 -10.36
N ASP A 205 5.32 -7.03 -9.97
CA ASP A 205 5.95 -5.95 -10.72
C ASP A 205 7.16 -6.52 -11.45
N THR A 206 7.07 -6.55 -12.79
CA THR A 206 8.09 -7.21 -13.60
C THR A 206 8.46 -6.46 -14.86
N SER A 207 7.65 -5.51 -15.33
CA SER A 207 7.87 -4.89 -16.63
C SER A 207 9.05 -3.91 -16.59
N ASP A 208 9.95 -4.06 -17.56
CA ASP A 208 11.03 -3.10 -17.82
C ASP A 208 11.86 -2.82 -16.57
N ARG A 209 12.37 -3.88 -15.96
CA ARG A 209 13.18 -3.73 -14.75
C ARG A 209 14.67 -3.88 -15.07
N SER A 210 15.48 -3.11 -14.36
CA SER A 210 16.92 -3.12 -14.55
C SER A 210 17.56 -2.46 -13.33
N LYS A 211 18.75 -1.89 -13.52
CA LYS A 211 19.46 -1.27 -12.41
C LYS A 211 18.75 -0.02 -11.91
N THR A 212 17.96 0.65 -12.77
CA THR A 212 17.34 1.91 -12.43
C THR A 212 15.80 1.87 -12.40
N HIS A 213 15.18 0.72 -12.62
CA HIS A 213 13.75 0.58 -12.42
C HIS A 213 13.49 -0.22 -11.15
N LYS A 214 12.35 0.04 -10.50
CA LYS A 214 12.11 -0.29 -9.10
C LYS A 214 11.63 -1.73 -8.88
N THR A 215 10.59 -2.17 -9.58
CA THR A 215 9.75 -3.33 -9.20
C THR A 215 9.40 -3.31 -7.71
N GLU A 216 9.07 -2.11 -7.23
CA GLU A 216 8.69 -1.88 -5.84
C GLU A 216 7.18 -1.83 -5.64
N ALA A 217 6.40 -2.07 -6.69
CA ALA A 217 4.94 -2.02 -6.58
C ALA A 217 4.45 -3.10 -5.64
N GLN A 218 3.56 -2.72 -4.73
CA GLN A 218 3.05 -3.62 -3.70
C GLN A 218 1.61 -4.01 -4.02
N ALA A 219 1.27 -5.24 -3.66
CA ALA A 219 -0.07 -5.77 -3.86
C ALA A 219 -0.93 -5.69 -2.60
N PHE A 220 -0.47 -5.00 -1.56
CA PHE A 220 -1.24 -4.80 -0.34
C PHE A 220 -0.58 -3.69 0.47
N SER A 221 -1.41 -2.94 1.20
CA SER A 221 -0.95 -1.91 2.12
C SER A 221 -2.05 -1.63 3.13
N ASP A 222 -1.68 -1.56 4.41
CA ASP A 222 -2.62 -1.19 5.46
C ASP A 222 -1.82 -0.67 6.65
N THR A 223 -2.53 -0.28 7.70
CA THR A 223 -1.92 0.23 8.92
C THR A 223 -2.28 -0.65 10.10
N THR A 224 -1.42 -0.65 11.11
CA THR A 224 -1.64 -1.44 12.30
C THR A 224 -2.54 -0.69 13.28
N ASP A 225 -3.31 -1.46 14.04
CA ASP A 225 -4.24 -0.90 15.01
C ASP A 225 -3.54 -0.67 16.34
N GLY A 226 -4.31 -0.39 17.39
CA GLY A 226 -3.73 -0.13 18.70
C GLY A 226 -3.07 -1.33 19.34
N LYS A 227 -3.43 -2.54 18.90
CA LYS A 227 -2.81 -3.75 19.40
C LYS A 227 -1.62 -4.19 18.53
N GLY A 228 -1.31 -3.46 17.47
CA GLY A 228 -0.22 -3.79 16.58
C GLY A 228 -0.56 -4.80 15.51
N GLU A 229 -1.81 -5.24 15.41
CA GLU A 229 -2.20 -6.28 14.49
C GLU A 229 -2.70 -5.70 13.17
N VAL A 230 -2.62 -6.53 12.13
CA VAL A 230 -3.10 -6.16 10.80
C VAL A 230 -3.25 -7.43 9.98
N ASP A 231 -4.17 -7.41 9.02
CA ASP A 231 -4.52 -8.58 8.23
C ASP A 231 -4.14 -8.35 6.78
N ILE A 232 -3.20 -9.15 6.28
CA ILE A 232 -2.82 -9.11 4.87
C ILE A 232 -3.80 -9.95 4.07
N ILE A 233 -4.19 -9.44 2.90
CA ILE A 233 -5.15 -10.10 2.02
C ILE A 233 -4.46 -10.39 0.69
N PRO A 234 -3.99 -11.61 0.47
CA PRO A 234 -3.31 -11.94 -0.79
C PRO A 234 -4.32 -12.29 -1.88
N LEU A 235 -4.18 -11.64 -3.04
CA LEU A 235 -5.07 -11.87 -4.17
C LEU A 235 -4.51 -12.88 -5.18
N ARG A 236 -3.29 -13.36 -4.97
CA ARG A 236 -2.66 -14.33 -5.86
C ARG A 236 -1.91 -15.35 -5.01
N GLN A 237 -1.32 -16.33 -5.68
CA GLN A 237 -0.48 -17.33 -5.05
C GLN A 237 0.98 -17.09 -5.42
N GLY A 238 1.86 -17.45 -4.52
CA GLY A 238 3.28 -17.41 -4.80
C GLY A 238 4.08 -17.11 -3.55
N PHE A 239 5.22 -16.46 -3.78
CA PHE A 239 6.18 -16.14 -2.73
C PHE A 239 5.99 -14.67 -2.36
N TRP A 240 5.51 -14.41 -1.15
CA TRP A 240 5.13 -13.09 -0.71
C TRP A 240 6.13 -12.52 0.28
N LYS A 241 6.27 -11.19 0.26
CA LYS A 241 7.08 -10.44 1.21
C LYS A 241 6.27 -9.27 1.74
N ALA A 242 6.19 -9.16 3.06
CA ALA A 242 5.50 -8.06 3.75
C ALA A 242 6.52 -7.22 4.49
N SER A 243 6.51 -5.91 4.22
CA SER A 243 7.52 -4.99 4.70
C SER A 243 6.92 -3.97 5.66
N VAL A 244 7.75 -3.56 6.63
CA VAL A 244 7.43 -2.47 7.55
C VAL A 244 8.74 -1.74 7.85
N GLU A 245 8.62 -0.48 8.24
CA GLU A 245 9.79 0.31 8.60
C GLU A 245 9.41 1.27 9.72
N TYR A 246 10.43 1.76 10.43
CA TYR A 246 10.19 2.68 11.54
C TYR A 246 11.44 3.52 11.78
N LYS A 247 11.30 4.84 11.62
CA LYS A 247 12.35 5.79 11.95
C LYS A 247 11.97 6.51 13.24
N ALA A 248 12.90 6.56 14.18
CA ALA A 248 12.66 7.19 15.48
C ALA A 248 13.95 7.82 15.97
N ASP A 249 13.91 8.31 17.21
CA ASP A 249 15.08 8.91 17.85
C ASP A 249 15.97 7.84 18.47
N PHE A 250 17.27 8.06 18.36
CA PHE A 250 18.22 7.16 19.01
C PHE A 250 18.18 7.38 20.52
N PRO A 251 18.24 6.31 21.32
CA PRO A 251 18.13 6.48 22.77
C PRO A 251 19.21 7.38 23.35
N ASP A 252 20.47 7.08 23.08
CA ASP A 252 21.60 7.82 23.65
C ASP A 252 21.97 8.93 22.69
N GLN A 253 21.49 10.15 22.97
CA GLN A 253 21.75 11.28 22.09
C GLN A 253 23.19 11.78 22.18
N SER A 254 23.99 11.29 23.13
CA SER A 254 25.38 11.67 23.20
C SER A 254 26.26 10.84 22.25
N LEU A 255 25.68 9.88 21.54
CA LEU A 255 26.37 9.04 20.58
C LEU A 255 25.84 9.19 19.17
N CYS A 256 24.53 9.23 19.01
CA CYS A 256 23.89 9.34 17.70
C CYS A 256 22.49 9.90 17.93
N GLN A 257 21.87 10.38 16.86
CA GLN A 257 20.62 11.14 16.97
C GLN A 257 19.40 10.39 16.47
N LYS A 258 19.48 9.75 15.31
CA LYS A 258 18.33 9.08 14.71
C LYS A 258 18.56 7.56 14.65
N GLN A 259 17.50 6.86 14.28
CA GLN A 259 17.52 5.41 14.13
C GLN A 259 16.48 5.02 13.10
N ALA A 260 16.85 4.08 12.22
CA ALA A 260 15.99 3.61 11.15
C ALA A 260 16.01 2.10 11.13
N ASN A 261 14.83 1.48 11.14
CA ASN A 261 14.72 0.03 11.12
C ASN A 261 13.83 -0.38 9.95
N TYR A 262 14.27 -1.40 9.20
CA TYR A 262 13.55 -1.92 8.05
C TYR A 262 13.41 -3.42 8.21
N THR A 263 12.16 -3.90 8.28
CA THR A 263 11.89 -5.31 8.54
C THR A 263 11.00 -5.89 7.44
N THR A 264 11.26 -7.14 7.10
CA THR A 264 10.43 -7.87 6.14
C THR A 264 10.09 -9.24 6.72
N LEU A 265 9.05 -9.84 6.14
CA LEU A 265 8.63 -11.19 6.49
C LEU A 265 8.19 -11.89 5.21
N THR A 266 8.73 -13.07 4.95
CA THR A 266 8.49 -13.78 3.70
C THR A 266 7.75 -15.08 3.97
N PHE A 267 6.88 -15.45 3.04
CA PHE A 267 6.05 -16.64 3.22
C PHE A 267 5.50 -17.09 1.87
N GLN A 268 4.69 -18.15 1.90
CA GLN A 268 4.11 -18.76 0.72
C GLN A 268 2.59 -18.76 0.80
N ILE A 269 1.93 -18.39 -0.29
CA ILE A 269 0.49 -18.45 -0.42
C ILE A 269 0.16 -19.44 -1.51
N GLY A 270 -0.61 -20.47 -1.17
CA GLY A 270 -0.86 -21.56 -2.11
C GLY A 270 0.01 -22.76 -1.82
N HIS A 271 0.55 -23.38 -2.87
CA HIS A 271 1.39 -24.55 -2.69
C HIS A 271 2.18 -24.79 -3.97
N SER A 272 3.51 -24.86 -3.84
CA SER A 272 4.35 -25.17 -4.99
C SER A 272 4.38 -26.67 -5.27
N HIS A 273 4.49 -27.48 -4.22
CA HIS A 273 4.47 -28.94 -4.38
C HIS A 273 3.57 -29.57 -3.32
N MSE B 25 -13.72 8.06 12.85
CA MSE B 25 -14.29 8.21 11.52
C MSE B 25 -13.47 9.20 10.69
O MSE B 25 -13.44 10.40 10.98
CB MSE B 25 -15.74 8.67 11.61
N VAL B 26 -12.80 8.68 9.65
CA VAL B 26 -11.90 9.51 8.85
C VAL B 26 -12.69 10.54 8.04
N HIS B 27 -13.73 10.07 7.34
CA HIS B 27 -14.52 10.89 6.41
C HIS B 27 -13.68 11.38 5.24
N ARG B 28 -13.47 10.51 4.25
CA ARG B 28 -12.83 10.88 3.01
C ARG B 28 -13.87 11.09 1.91
N VAL B 29 -13.47 11.80 0.87
CA VAL B 29 -14.39 12.23 -0.20
C VAL B 29 -14.10 11.44 -1.45
N TRP B 30 -15.15 10.86 -2.03
CA TRP B 30 -15.06 10.23 -3.34
C TRP B 30 -16.39 10.39 -4.05
N VAL B 31 -16.49 9.85 -5.26
CA VAL B 31 -17.68 10.00 -6.10
C VAL B 31 -18.03 8.65 -6.71
N GLU B 32 -19.28 8.51 -7.13
CA GLU B 32 -19.78 7.24 -7.64
C GLU B 32 -20.80 7.50 -8.74
N THR B 33 -20.83 6.61 -9.73
CA THR B 33 -21.72 6.73 -10.88
C THR B 33 -22.46 5.43 -11.12
N ALA B 34 -23.67 5.53 -11.66
CA ALA B 34 -24.53 4.39 -11.94
C ALA B 34 -24.43 3.97 -13.40
N HIS B 35 -24.88 2.75 -13.67
CA HIS B 35 -24.90 2.19 -15.01
C HIS B 35 -25.83 3.02 -15.90
N THR B 36 -25.25 3.74 -16.85
CA THR B 36 -26.00 4.68 -17.68
C THR B 36 -25.74 4.42 -19.16
N HIS B 37 -26.80 4.25 -19.91
CA HIS B 37 -26.75 4.20 -21.36
C HIS B 37 -27.09 5.57 -21.94
N GLY B 38 -26.47 5.89 -23.07
CA GLY B 38 -26.59 7.21 -23.67
C GLY B 38 -28.02 7.66 -23.92
N GLY B 39 -28.33 8.88 -23.50
CA GLY B 39 -29.64 9.45 -23.73
C GLY B 39 -30.36 9.86 -22.47
N GLU B 40 -30.27 9.03 -21.43
CA GLU B 40 -30.98 9.29 -20.18
C GLU B 40 -30.16 10.24 -19.31
N TYR B 41 -30.60 10.46 -18.08
CA TYR B 41 -29.93 11.38 -17.18
C TYR B 41 -28.76 10.68 -16.48
N LEU B 42 -27.76 11.47 -16.12
CA LEU B 42 -26.58 10.98 -15.43
C LEU B 42 -26.78 11.15 -13.93
N LYS B 43 -27.00 10.04 -13.23
CA LYS B 43 -27.24 10.06 -11.80
C LYS B 43 -25.95 9.66 -11.08
N ALA B 44 -25.46 10.53 -10.19
CA ALA B 44 -24.21 10.34 -9.49
C ALA B 44 -24.41 10.51 -7.99
N ASP B 45 -23.39 10.14 -7.23
CA ASP B 45 -23.44 10.17 -5.78
C ASP B 45 -22.12 10.72 -5.25
N LEU B 46 -22.19 11.52 -4.19
CA LEU B 46 -21.03 12.08 -3.51
C LEU B 46 -20.85 11.35 -2.19
N GLY B 47 -19.78 10.57 -2.07
CA GLY B 47 -19.49 9.89 -0.83
C GLY B 47 -18.59 10.72 0.07
N TYR B 48 -19.05 10.99 1.30
CA TYR B 48 -18.27 11.68 2.32
C TYR B 48 -18.28 10.81 3.58
N GLY B 49 -17.30 9.93 3.68
CA GLY B 49 -17.21 9.01 4.78
C GLY B 49 -16.20 7.91 4.53
N GLU B 50 -16.53 6.69 4.92
CA GLU B 50 -15.66 5.55 4.71
C GLU B 50 -16.09 4.81 3.46
N PHE B 51 -15.15 4.62 2.54
CA PHE B 51 -15.45 3.90 1.30
C PHE B 51 -15.85 2.46 1.62
N PRO B 52 -16.87 1.92 0.94
CA PRO B 52 -17.72 2.56 -0.08
C PRO B 52 -19.09 2.97 0.43
N GLU B 53 -19.30 3.06 1.74
CA GLU B 53 -20.62 3.29 2.32
C GLU B 53 -21.03 4.74 2.12
N LEU B 54 -22.03 4.96 1.26
CA LEU B 54 -22.60 6.29 1.11
C LEU B 54 -23.45 6.64 2.34
N GLU B 55 -23.40 7.91 2.74
CA GLU B 55 -24.21 8.34 3.88
C GLU B 55 -24.49 9.83 3.75
N PRO B 56 -25.66 10.30 4.16
CA PRO B 56 -26.01 11.71 3.94
C PRO B 56 -25.08 12.65 4.71
N ILE B 57 -24.87 13.83 4.11
CA ILE B 57 -24.03 14.84 4.74
C ILE B 57 -24.78 15.47 5.90
N ALA B 58 -24.16 15.45 7.09
CA ALA B 58 -24.81 15.98 8.27
C ALA B 58 -25.01 17.49 8.16
N LYS B 59 -25.86 18.03 9.03
CA LYS B 59 -26.22 19.44 8.95
C LYS B 59 -25.05 20.36 9.31
N ASP B 60 -24.08 19.87 10.07
CA ASP B 60 -22.95 20.69 10.48
C ASP B 60 -21.82 20.71 9.45
N ARG B 61 -21.95 19.93 8.36
CA ARG B 61 -20.94 19.93 7.31
C ARG B 61 -21.56 20.20 5.94
N LEU B 62 -22.78 20.72 5.89
CA LEU B 62 -23.36 21.14 4.62
C LEU B 62 -22.56 22.29 4.01
N HIS B 63 -22.07 23.20 4.85
CA HIS B 63 -21.36 24.36 4.34
C HIS B 63 -20.08 23.98 3.62
N ILE B 64 -19.48 22.83 3.97
CA ILE B 64 -18.27 22.40 3.29
C ILE B 64 -18.56 21.94 1.87
N PHE B 65 -19.81 21.62 1.56
CA PHE B 65 -20.16 21.22 0.20
C PHE B 65 -21.16 22.22 -0.39
N SER B 66 -20.84 23.51 -0.30
CA SER B 66 -21.72 24.54 -0.80
C SER B 66 -21.78 24.55 -2.32
N LYS B 67 -20.72 24.10 -2.98
CA LYS B 67 -20.72 24.08 -4.44
C LYS B 67 -21.01 22.68 -4.94
N PRO B 68 -21.95 22.51 -5.86
CA PRO B 68 -22.36 21.16 -6.28
C PRO B 68 -21.31 20.50 -7.15
N MSE B 69 -21.50 19.19 -7.35
CA MSE B 69 -20.63 18.41 -8.20
C MSE B 69 -20.70 18.89 -9.64
O MSE B 69 -21.74 19.37 -10.09
CB MSE B 69 -20.99 16.93 -8.12
CG MSE B 69 -20.75 16.31 -6.76
SE MSE B 69 -21.58 14.56 -6.58
CE MSE B 69 -20.57 13.59 -7.91
N GLN B 70 -19.60 18.76 -10.37
CA GLN B 70 -19.54 19.22 -11.74
C GLN B 70 -19.33 18.04 -12.67
N LEU B 71 -19.81 18.19 -13.91
CA LEU B 71 -19.71 17.17 -14.94
C LEU B 71 -19.00 17.79 -16.14
N VAL B 72 -17.98 17.11 -16.66
CA VAL B 72 -17.20 17.66 -17.76
C VAL B 72 -17.63 17.00 -19.07
N THR B 73 -17.70 17.80 -20.13
CA THR B 73 -17.99 17.32 -21.46
C THR B 73 -17.10 18.06 -22.46
N GLU B 74 -17.37 17.84 -23.76
CA GLU B 74 -16.70 18.62 -24.78
C GLU B 74 -17.04 20.10 -24.67
N LYS B 75 -18.18 20.40 -24.05
CA LYS B 75 -18.60 21.76 -23.77
C LYS B 75 -17.94 22.38 -22.55
N GLY B 76 -17.18 21.61 -21.77
CA GLY B 76 -16.55 22.18 -20.59
C GLY B 76 -17.15 21.69 -19.29
N LYS B 77 -17.03 22.44 -18.19
CA LYS B 77 -17.60 22.02 -16.91
C LYS B 77 -19.01 22.58 -16.78
N GLU B 78 -19.91 21.77 -16.23
CA GLU B 78 -21.28 22.20 -16.00
C GLU B 78 -21.75 21.66 -14.65
N ASN B 79 -22.45 22.51 -13.89
CA ASN B 79 -22.90 22.12 -12.56
C ASN B 79 -23.99 21.06 -12.65
N MSE B 80 -24.17 20.32 -11.56
CA MSE B 80 -25.21 19.32 -11.48
C MSE B 80 -26.31 19.77 -10.51
O MSE B 80 -26.15 20.76 -9.80
CB MSE B 80 -24.64 17.97 -11.05
CG MSE B 80 -23.58 17.41 -12.00
SE MSE B 80 -23.05 15.59 -11.61
CE MSE B 80 -24.73 14.67 -12.04
N ILE B 81 -27.41 19.02 -10.50
CA ILE B 81 -28.57 19.34 -9.68
C ILE B 81 -28.67 18.30 -8.58
N GLN B 82 -28.60 18.75 -7.33
CA GLN B 82 -28.72 17.88 -6.17
C GLN B 82 -30.20 17.56 -5.97
N ARG B 83 -30.68 16.58 -6.75
CA ARG B 83 -32.08 16.17 -6.72
C ARG B 83 -32.15 14.66 -6.50
N GLY B 84 -32.93 14.26 -5.51
CA GLY B 84 -33.08 12.85 -5.21
C GLY B 84 -33.57 12.66 -3.79
N THR B 85 -33.54 11.39 -3.36
CA THR B 85 -34.00 11.05 -2.02
C THR B 85 -33.11 11.68 -0.95
N TYR B 86 -31.80 11.53 -1.09
CA TYR B 86 -30.84 12.03 -0.12
C TYR B 86 -30.05 13.19 -0.70
N ASN B 87 -29.37 13.91 0.19
CA ASN B 87 -28.67 15.13 -0.20
C ASN B 87 -27.32 14.85 -0.88
N TYR B 88 -26.91 13.59 -0.99
CA TYR B 88 -25.70 13.26 -1.73
C TYR B 88 -25.99 12.79 -3.15
N GLN B 89 -27.25 12.60 -3.51
CA GLN B 89 -27.63 12.14 -4.85
C GLN B 89 -27.77 13.34 -5.78
N TYR B 90 -27.05 13.30 -6.90
CA TYR B 90 -27.06 14.35 -7.90
C TYR B 90 -27.54 13.81 -9.23
N ARG B 91 -28.17 14.68 -10.02
CA ARG B 91 -28.63 14.36 -11.35
C ARG B 91 -28.12 15.42 -12.32
N SER B 92 -27.89 15.01 -13.56
CA SER B 92 -27.41 15.95 -14.58
C SER B 92 -28.57 16.79 -15.09
N ASN B 93 -28.33 18.10 -15.19
CA ASN B 93 -29.34 19.00 -15.76
C ASN B 93 -29.64 18.62 -17.20
N ARG B 94 -28.62 18.33 -17.98
CA ARG B 94 -28.74 17.97 -19.38
C ARG B 94 -28.54 16.48 -19.57
N PRO B 95 -29.43 15.78 -20.25
CA PRO B 95 -29.15 14.39 -20.62
C PRO B 95 -27.90 14.30 -21.47
N VAL B 96 -27.09 13.28 -21.21
CA VAL B 96 -25.76 13.18 -21.82
C VAL B 96 -25.80 12.20 -22.97
N LYS B 97 -24.98 12.49 -23.98
CA LYS B 97 -24.80 11.56 -25.09
C LYS B 97 -23.79 10.48 -24.70
N ASP B 98 -23.68 9.47 -25.55
CA ASP B 98 -22.75 8.38 -25.29
C ASP B 98 -21.31 8.87 -25.38
N GLY B 99 -20.46 8.37 -24.50
CA GLY B 99 -19.05 8.75 -24.51
C GLY B 99 -18.39 8.48 -23.18
N SER B 100 -17.38 9.29 -22.88
CA SER B 100 -16.58 9.17 -21.67
C SER B 100 -16.40 10.55 -21.05
N TYR B 101 -16.82 10.69 -19.79
CA TYR B 101 -16.78 11.99 -19.11
C TYR B 101 -16.20 11.81 -17.71
N LEU B 102 -16.07 12.94 -17.00
CA LEU B 102 -15.60 12.96 -15.63
C LEU B 102 -16.59 13.70 -14.76
N VAL B 103 -16.76 13.21 -13.53
CA VAL B 103 -17.63 13.83 -12.54
C VAL B 103 -16.77 14.17 -11.33
N THR B 104 -16.76 15.44 -10.94
CA THR B 104 -15.86 15.92 -9.89
C THR B 104 -16.65 16.50 -8.72
N ALA B 105 -16.05 16.36 -7.53
CA ALA B 105 -16.61 16.89 -6.28
C ALA B 105 -15.48 17.42 -5.41
N GLU B 106 -15.79 18.41 -4.59
CA GLU B 106 -14.76 19.09 -3.80
C GLU B 106 -15.23 19.31 -2.38
N TYR B 107 -14.42 18.84 -1.42
CA TYR B 107 -14.50 19.25 -0.02
C TYR B 107 -13.75 20.56 0.10
N GLN B 108 -14.51 21.65 0.32
CA GLN B 108 -13.99 23.00 0.25
C GLN B 108 -12.97 23.27 1.36
N PRO B 109 -12.04 24.21 1.14
CA PRO B 109 -10.99 24.47 2.13
C PRO B 109 -11.57 24.92 3.46
N THR B 110 -11.21 24.20 4.52
CA THR B 110 -11.57 24.57 5.87
C THR B 110 -10.32 24.67 6.73
N PHE B 111 -10.43 25.40 7.84
CA PHE B 111 -9.30 25.62 8.73
C PHE B 111 -9.53 24.87 10.05
N ARG B 112 -8.49 24.22 10.55
CA ARG B 112 -8.56 23.51 11.81
C ARG B 112 -7.30 23.82 12.63
N SER B 113 -7.42 23.63 13.95
CA SER B 113 -6.30 23.81 14.86
C SER B 113 -5.81 22.44 15.32
N LYS B 114 -4.50 22.21 15.22
CA LYS B 114 -3.90 20.93 15.59
C LYS B 114 -2.71 21.19 16.50
N ASN B 115 -2.22 20.11 17.10
CA ASN B 115 -1.06 20.18 18.00
C ASN B 115 -0.54 18.79 18.34
N SER B 131 0.56 24.34 19.00
CA SER B 131 -0.71 24.54 18.33
C SER B 131 -0.54 25.36 17.06
N TYR B 132 -1.10 24.86 15.95
CA TYR B 132 -0.92 25.47 14.64
C TYR B 132 -2.21 25.31 13.84
N CYS B 133 -2.26 26.02 12.71
CA CYS B 133 -3.39 25.99 11.79
C CYS B 133 -3.09 25.07 10.61
N GLU B 134 -4.12 24.36 10.15
CA GLU B 134 -4.01 23.52 8.97
C GLU B 134 -5.24 23.72 8.09
N GLN B 135 -5.01 23.90 6.80
CA GLN B 135 -6.09 24.05 5.83
C GLN B 135 -6.30 22.73 5.11
N THR B 136 -7.51 22.20 5.21
CA THR B 136 -7.89 20.92 4.61
C THR B 136 -8.72 21.18 3.36
N ARG B 137 -8.30 20.55 2.26
CA ARG B 137 -9.02 20.56 0.99
C ARG B 137 -9.06 19.12 0.48
N MSE B 138 -10.19 18.73 -0.10
CA MSE B 138 -10.28 17.36 -0.62
C MSE B 138 -11.00 17.33 -1.96
O MSE B 138 -11.77 18.22 -2.29
CB MSE B 138 -10.97 16.45 0.39
CG MSE B 138 -10.25 16.38 1.72
SE MSE B 138 -11.33 15.78 3.21
CE MSE B 138 -11.33 13.91 2.84
N PHE B 139 -10.74 16.28 -2.75
CA PHE B 139 -11.24 16.24 -4.12
C PHE B 139 -11.59 14.81 -4.49
N GLY B 140 -12.53 14.69 -5.44
CA GLY B 140 -12.94 13.40 -5.95
C GLY B 140 -13.28 13.47 -7.42
N LYS B 141 -12.93 12.43 -8.17
CA LYS B 141 -13.16 12.40 -9.61
C LYS B 141 -13.51 10.98 -10.04
N ASN B 142 -14.54 10.86 -10.88
CA ASN B 142 -15.00 9.58 -11.40
C ASN B 142 -14.99 9.61 -12.92
N ILE B 143 -14.46 8.54 -13.52
CA ILE B 143 -14.57 8.31 -14.95
C ILE B 143 -15.88 7.60 -15.22
N VAL B 144 -16.73 8.19 -16.07
CA VAL B 144 -18.01 7.61 -16.41
C VAL B 144 -18.02 7.29 -17.90
N ASN B 145 -18.20 6.02 -18.23
CA ASN B 145 -18.34 5.56 -19.60
C ASN B 145 -19.82 5.30 -19.86
N VAL B 146 -20.48 6.28 -20.46
CA VAL B 146 -21.92 6.19 -20.74
C VAL B 146 -22.11 5.56 -22.11
N GLY B 147 -22.84 4.45 -22.15
CA GLY B 147 -22.98 3.66 -23.37
C GLY B 147 -21.90 2.60 -23.45
N HIS B 148 -22.27 1.40 -23.89
CA HIS B 148 -21.29 0.33 -23.99
C HIS B 148 -20.30 0.62 -25.12
N GLU B 149 -19.10 0.06 -24.99
CA GLU B 149 -18.01 0.27 -25.94
C GLU B 149 -17.58 1.74 -26.00
N SER B 150 -17.65 2.43 -24.87
CA SER B 150 -17.20 3.80 -24.76
C SER B 150 -15.76 3.81 -24.23
N ALA B 151 -14.82 4.27 -25.06
CA ALA B 151 -13.42 4.29 -24.69
C ALA B 151 -12.77 5.61 -25.05
N ASP B 152 -13.54 6.69 -25.04
CA ASP B 152 -13.01 8.00 -25.40
C ASP B 152 -12.02 8.49 -24.35
N THR B 153 -10.94 9.12 -24.83
CA THR B 153 -9.93 9.71 -23.96
C THR B 153 -9.72 11.19 -24.27
N ALA B 154 -10.68 11.82 -24.96
CA ALA B 154 -10.49 13.21 -25.36
C ALA B 154 -10.52 14.15 -24.17
N ILE B 155 -11.38 13.88 -23.19
CA ILE B 155 -11.57 14.78 -22.05
C ILE B 155 -11.25 14.13 -20.72
N ILE B 156 -11.26 12.79 -20.61
CA ILE B 156 -10.96 12.17 -19.34
C ILE B 156 -9.49 12.33 -18.96
N THR B 157 -8.61 12.53 -19.94
CA THR B 157 -7.19 12.69 -19.69
C THR B 157 -6.77 14.15 -19.60
N LYS B 158 -7.73 15.08 -19.56
CA LYS B 158 -7.41 16.50 -19.46
C LYS B 158 -7.55 16.97 -18.02
N PRO B 159 -6.55 17.67 -17.48
CA PRO B 159 -6.65 18.14 -16.10
C PRO B 159 -7.77 19.15 -15.94
N VAL B 160 -8.66 18.88 -14.98
CA VAL B 160 -9.75 19.81 -14.70
C VAL B 160 -9.32 20.94 -13.78
N GLY B 161 -8.19 20.81 -13.09
CA GLY B 161 -7.66 21.90 -12.30
C GLY B 161 -7.91 21.79 -10.81
N GLN B 162 -7.67 20.61 -10.24
CA GLN B 162 -7.79 20.41 -8.80
C GLN B 162 -6.42 20.65 -8.15
N ASN B 163 -6.44 21.28 -6.97
CA ASN B 163 -5.20 21.60 -6.25
C ASN B 163 -4.29 20.38 -6.18
N LEU B 164 -4.85 19.25 -5.78
CA LEU B 164 -4.21 17.94 -5.93
C LEU B 164 -5.12 17.10 -6.82
N GLU B 165 -4.57 16.54 -7.89
CA GLU B 165 -5.38 15.90 -8.91
C GLU B 165 -4.76 14.59 -9.34
N ILE B 166 -5.64 13.64 -9.67
CA ILE B 166 -5.25 12.32 -10.17
C ILE B 166 -5.83 12.21 -11.57
N VAL B 167 -5.06 12.60 -12.58
CA VAL B 167 -5.54 12.63 -13.96
C VAL B 167 -5.21 11.30 -14.63
N PRO B 168 -6.19 10.54 -15.09
CA PRO B 168 -5.89 9.28 -15.77
C PRO B 168 -5.30 9.53 -17.15
N LEU B 169 -4.47 8.60 -17.59
CA LEU B 169 -3.88 8.64 -18.93
C LEU B 169 -4.34 7.48 -19.80
N ASP B 170 -5.49 6.90 -19.48
CA ASP B 170 -6.03 5.73 -20.17
C ASP B 170 -7.47 5.55 -19.74
N ASN B 171 -8.26 4.97 -20.62
CA ASN B 171 -9.62 4.60 -20.26
C ASN B 171 -9.60 3.24 -19.54
N PRO B 172 -10.19 3.14 -18.35
CA PRO B 172 -10.16 1.86 -17.61
C PRO B 172 -10.89 0.73 -18.32
N ALA B 173 -11.82 1.03 -19.22
CA ALA B 173 -12.53 -0.02 -19.94
C ALA B 173 -11.60 -0.83 -20.83
N ASN B 174 -10.48 -0.25 -21.26
CA ASN B 174 -9.50 -0.96 -22.07
C ASN B 174 -8.49 -1.75 -21.23
N ILE B 175 -8.62 -1.73 -19.90
CA ILE B 175 -7.68 -2.39 -19.00
C ILE B 175 -8.36 -3.62 -18.42
N HIS B 176 -7.76 -4.79 -18.66
CA HIS B 176 -8.27 -6.04 -18.12
C HIS B 176 -7.62 -6.32 -16.77
N VAL B 177 -7.66 -7.57 -16.32
CA VAL B 177 -7.05 -7.95 -15.05
C VAL B 177 -5.55 -8.12 -15.23
N GLY B 178 -4.77 -7.53 -14.33
CA GLY B 178 -3.33 -7.67 -14.36
C GLY B 178 -2.62 -6.80 -15.36
N GLU B 179 -3.27 -5.74 -15.84
CA GLU B 179 -2.68 -4.84 -16.82
C GLU B 179 -2.45 -3.47 -16.21
N ARG B 180 -1.33 -2.85 -16.58
CA ARG B 180 -0.95 -1.57 -15.99
C ARG B 180 -1.86 -0.45 -16.48
N PHE B 181 -2.30 0.39 -15.54
CA PHE B 181 -3.16 1.54 -15.82
C PHE B 181 -2.40 2.79 -15.40
N LYS B 182 -1.90 3.54 -16.38
CA LYS B 182 -0.99 4.65 -16.12
C LYS B 182 -1.78 5.90 -15.76
N VAL B 183 -1.44 6.49 -14.61
CA VAL B 183 -2.10 7.69 -14.11
C VAL B 183 -1.03 8.72 -13.77
N ARG B 184 -1.39 10.00 -13.88
CA ARG B 184 -0.50 11.10 -13.53
C ARG B 184 -1.06 11.82 -12.32
N VAL B 185 -0.16 12.28 -11.45
CA VAL B 185 -0.55 12.98 -10.23
C VAL B 185 -0.03 14.41 -10.35
N LEU B 186 -0.94 15.37 -10.29
CA LEU B 186 -0.60 16.79 -10.41
C LEU B 186 -0.84 17.48 -9.07
N PHE B 187 0.05 18.43 -8.75
CA PHE B 187 -0.15 19.29 -7.59
C PHE B 187 0.15 20.72 -8.00
N ARG B 188 -0.88 21.58 -7.94
CA ARG B 188 -0.77 22.99 -8.32
C ARG B 188 -0.31 23.13 -9.77
N GLY B 189 -0.80 22.24 -10.62
CA GLY B 189 -0.52 22.30 -12.05
C GLY B 189 0.61 21.40 -12.52
N GLU B 190 1.73 21.38 -11.78
CA GLU B 190 2.89 20.62 -12.19
C GLU B 190 2.89 19.24 -11.54
N PRO B 191 3.50 18.25 -12.19
CA PRO B 191 3.48 16.87 -11.65
C PRO B 191 4.14 16.79 -10.28
N LEU B 192 3.82 15.70 -9.59
CA LEU B 192 4.31 15.46 -8.24
C LEU B 192 5.16 14.19 -8.21
N PRO B 193 6.46 14.29 -7.96
CA PRO B 193 7.29 13.08 -7.90
C PRO B 193 7.35 12.48 -6.51
N ASN B 194 7.44 11.15 -6.49
CA ASN B 194 7.54 10.36 -5.25
C ASN B 194 6.33 10.60 -4.34
N ALA B 195 5.15 10.35 -4.91
CA ALA B 195 3.89 10.44 -4.18
C ALA B 195 3.27 9.05 -4.09
N THR B 196 2.90 8.64 -2.88
CA THR B 196 2.36 7.30 -2.66
C THR B 196 0.91 7.26 -3.13
N VAL B 197 0.65 6.50 -4.18
CA VAL B 197 -0.70 6.24 -4.68
C VAL B 197 -1.10 4.83 -4.24
N THR B 198 -2.24 4.73 -3.56
CA THR B 198 -2.79 3.44 -3.18
C THR B 198 -4.09 3.21 -3.96
N ALA B 199 -4.55 1.97 -3.96
CA ALA B 199 -5.80 1.63 -4.65
C ALA B 199 -6.46 0.45 -3.97
N THR B 200 -7.78 0.51 -3.87
CA THR B 200 -8.59 -0.57 -3.32
C THR B 200 -9.85 -0.70 -4.16
N PHE B 201 -10.66 -1.71 -3.86
CA PHE B 201 -11.90 -1.93 -4.61
C PHE B 201 -13.00 -2.39 -3.68
N ASP B 202 -14.24 -2.24 -4.15
CA ASP B 202 -15.41 -2.60 -3.35
C ASP B 202 -15.47 -4.12 -3.15
N GLY B 203 -15.43 -4.54 -1.90
CA GLY B 203 -15.44 -5.95 -1.54
C GLY B 203 -14.11 -6.49 -1.09
N PHE B 204 -13.03 -5.72 -1.21
CA PHE B 204 -11.72 -6.19 -0.79
C PHE B 204 -11.64 -6.35 0.72
N ASP B 205 -12.08 -5.34 1.46
CA ASP B 205 -12.08 -5.37 2.93
C ASP B 205 -13.52 -5.34 3.41
N THR B 206 -13.91 -6.36 4.20
CA THR B 206 -15.27 -6.52 4.69
C THR B 206 -15.22 -6.69 6.22
N SER B 207 -14.93 -5.60 6.93
CA SER B 207 -14.82 -5.63 8.38
C SER B 207 -15.03 -4.22 8.92
N ASP B 208 -15.31 -4.16 10.22
CA ASP B 208 -15.21 -2.93 11.00
C ASP B 208 -16.10 -1.82 10.46
N ARG B 209 -17.40 -1.89 10.73
CA ARG B 209 -18.31 -0.83 10.33
C ARG B 209 -18.03 0.45 11.11
N SER B 210 -17.83 0.34 12.44
CA SER B 210 -17.50 1.51 13.24
C SER B 210 -16.65 1.15 14.45
N LYS B 211 -16.01 -0.02 14.47
CA LYS B 211 -15.21 -0.44 15.63
C LYS B 211 -13.97 0.45 15.78
N THR B 212 -13.07 0.40 14.80
CA THR B 212 -11.86 1.20 14.82
C THR B 212 -11.94 2.42 13.91
N HIS B 213 -12.81 2.40 12.90
CA HIS B 213 -12.98 3.50 11.95
C HIS B 213 -11.66 3.88 11.28
N LYS B 214 -10.75 2.91 11.15
CA LYS B 214 -9.47 3.15 10.50
C LYS B 214 -9.63 3.05 8.98
N THR B 215 -8.55 3.38 8.29
CA THR B 215 -8.56 3.34 6.83
C THR B 215 -8.73 1.91 6.33
N GLU B 216 -9.45 1.77 5.22
CA GLU B 216 -9.68 0.46 4.62
C GLU B 216 -8.39 -0.11 4.06
N ALA B 217 -8.34 -1.44 3.98
CA ALA B 217 -7.15 -2.11 3.47
C ALA B 217 -7.03 -1.87 1.98
N GLN B 218 -5.82 -1.48 1.55
CA GLN B 218 -5.56 -1.23 0.14
C GLN B 218 -5.04 -2.49 -0.55
N ALA B 219 -5.37 -2.61 -1.83
CA ALA B 219 -4.94 -3.74 -2.65
C ALA B 219 -3.86 -3.36 -3.65
N PHE B 220 -3.19 -2.22 -3.44
CA PHE B 220 -2.13 -1.75 -4.32
C PHE B 220 -1.48 -0.53 -3.68
N SER B 221 -0.19 -0.35 -3.94
CA SER B 221 0.56 0.79 -3.42
C SER B 221 1.81 0.96 -4.27
N ASP B 222 2.05 2.19 -4.74
CA ASP B 222 3.24 2.50 -5.51
C ASP B 222 3.54 3.99 -5.36
N THR B 223 4.63 4.43 -6.00
CA THR B 223 5.03 5.83 -5.99
C THR B 223 5.27 6.32 -7.40
N THR B 224 5.11 7.63 -7.60
CA THR B 224 5.23 8.23 -8.92
C THR B 224 6.69 8.54 -9.24
N ASP B 225 7.00 8.55 -10.54
CA ASP B 225 8.35 8.81 -10.99
C ASP B 225 8.58 10.33 -11.06
N GLY B 226 9.59 10.75 -11.82
CA GLY B 226 9.94 12.16 -11.94
C GLY B 226 8.94 12.99 -12.70
N LYS B 227 8.01 12.36 -13.42
CA LYS B 227 6.96 13.08 -14.13
C LYS B 227 5.59 12.84 -13.49
N GLY B 228 5.56 12.36 -12.24
CA GLY B 228 4.31 12.15 -11.55
C GLY B 228 3.46 11.00 -12.05
N GLU B 229 4.06 10.06 -12.79
CA GLU B 229 3.31 8.96 -13.37
C GLU B 229 3.50 7.69 -12.57
N VAL B 230 2.45 6.87 -12.52
CA VAL B 230 2.48 5.61 -11.79
C VAL B 230 1.47 4.66 -12.44
N ASP B 231 1.80 3.38 -12.45
CA ASP B 231 0.97 2.35 -13.06
C ASP B 231 0.27 1.55 -11.98
N ILE B 232 -1.06 1.60 -11.98
CA ILE B 232 -1.87 0.79 -11.06
C ILE B 232 -2.09 -0.58 -11.68
N ILE B 233 -2.06 -1.62 -10.85
CA ILE B 233 -2.22 -2.98 -11.33
C ILE B 233 -3.46 -3.59 -10.67
N PRO B 234 -4.63 -3.52 -11.30
CA PRO B 234 -5.85 -4.12 -10.73
C PRO B 234 -5.81 -5.64 -10.87
N LEU B 235 -5.95 -6.35 -9.75
CA LEU B 235 -5.89 -7.79 -9.75
C LEU B 235 -7.27 -8.47 -9.75
N ARG B 236 -8.34 -7.71 -9.52
CA ARG B 236 -9.69 -8.27 -9.58
C ARG B 236 -10.63 -7.23 -10.14
N GLN B 237 -11.73 -7.72 -10.73
CA GLN B 237 -12.70 -6.84 -11.37
C GLN B 237 -13.64 -6.25 -10.34
N GLY B 238 -14.01 -4.99 -10.53
CA GLY B 238 -14.94 -4.34 -9.62
C GLY B 238 -14.83 -2.83 -9.72
N PHE B 239 -15.37 -2.17 -8.69
CA PHE B 239 -15.41 -0.71 -8.62
C PHE B 239 -14.19 -0.25 -7.82
N TRP B 240 -13.21 0.33 -8.50
CA TRP B 240 -11.93 0.67 -7.92
C TRP B 240 -11.88 2.15 -7.51
N LYS B 241 -11.15 2.41 -6.43
CA LYS B 241 -10.87 3.75 -5.93
C LYS B 241 -9.40 3.85 -5.56
N ALA B 242 -8.72 4.84 -6.12
CA ALA B 242 -7.32 5.13 -5.81
C ALA B 242 -7.24 6.43 -5.02
N SER B 243 -6.18 6.54 -4.21
CA SER B 243 -6.03 7.66 -3.30
C SER B 243 -4.58 8.13 -3.29
N VAL B 244 -4.43 9.45 -3.11
CA VAL B 244 -3.13 10.05 -2.81
C VAL B 244 -3.38 11.29 -1.94
N GLU B 245 -2.48 11.51 -0.99
CA GLU B 245 -2.58 12.67 -0.11
C GLU B 245 -1.25 13.39 -0.07
N TYR B 246 -1.31 14.71 0.09
CA TYR B 246 -0.12 15.54 0.12
C TYR B 246 -0.27 16.60 1.21
N LYS B 247 0.70 16.63 2.12
CA LYS B 247 0.72 17.58 3.22
C LYS B 247 1.97 18.45 3.09
N ALA B 248 1.78 19.76 3.08
CA ALA B 248 2.88 20.68 2.85
C ALA B 248 2.60 21.98 3.62
N ASP B 249 3.41 22.99 3.35
CA ASP B 249 3.22 24.30 3.97
C ASP B 249 2.07 25.04 3.31
N PHE B 250 1.58 26.06 3.99
CA PHE B 250 0.58 26.93 3.39
C PHE B 250 1.26 28.10 2.71
N PRO B 251 0.77 28.51 1.53
CA PRO B 251 1.42 29.63 0.81
C PRO B 251 1.58 30.89 1.64
N ASP B 252 0.52 31.35 2.30
CA ASP B 252 0.55 32.60 3.07
C ASP B 252 0.73 32.25 4.54
N GLN B 253 1.98 32.33 5.02
CA GLN B 253 2.29 31.95 6.39
C GLN B 253 1.71 32.92 7.43
N SER B 254 1.24 34.10 7.01
CA SER B 254 0.60 35.02 7.95
C SER B 254 -0.87 34.70 8.19
N LEU B 255 -1.40 33.65 7.56
CA LEU B 255 -2.79 33.23 7.74
C LEU B 255 -2.90 31.82 8.33
N CYS B 256 -2.20 30.86 7.73
CA CYS B 256 -2.23 29.48 8.19
C CYS B 256 -0.85 28.87 7.93
N GLN B 257 -0.52 27.84 8.70
CA GLN B 257 0.82 27.28 8.68
C GLN B 257 0.95 26.04 7.78
N LYS B 258 0.06 25.07 7.94
CA LYS B 258 0.13 23.82 7.20
C LYS B 258 -1.04 23.71 6.23
N GLN B 259 -0.98 22.67 5.40
CA GLN B 259 -2.00 22.41 4.39
C GLN B 259 -2.00 20.92 4.08
N ALA B 260 -3.20 20.36 3.92
CA ALA B 260 -3.37 18.95 3.63
C ALA B 260 -4.40 18.77 2.51
N ASN B 261 -4.09 17.87 1.58
CA ASN B 261 -4.96 17.59 0.45
C ASN B 261 -5.13 16.09 0.31
N TYR B 262 -6.38 15.64 0.12
CA TYR B 262 -6.72 14.23 -0.07
C TYR B 262 -7.49 14.10 -1.38
N THR B 263 -6.89 13.45 -2.37
CA THR B 263 -7.49 13.32 -3.69
C THR B 263 -7.68 11.85 -4.03
N THR B 264 -8.79 11.56 -4.72
CA THR B 264 -9.20 10.21 -5.03
C THR B 264 -9.59 10.13 -6.51
N LEU B 265 -9.64 8.89 -7.01
CA LEU B 265 -10.08 8.63 -8.38
C LEU B 265 -10.81 7.31 -8.42
N THR B 266 -12.07 7.32 -8.83
CA THR B 266 -12.91 6.13 -8.88
C THR B 266 -13.22 5.75 -10.32
N PHE B 267 -13.24 4.45 -10.58
CA PHE B 267 -13.52 3.93 -11.92
C PHE B 267 -13.93 2.46 -11.79
N GLN B 268 -14.06 1.79 -12.94
CA GLN B 268 -14.50 0.40 -12.98
C GLN B 268 -13.53 -0.46 -13.77
N ILE B 269 -13.45 -1.74 -13.41
CA ILE B 269 -12.66 -2.74 -14.12
C ILE B 269 -13.59 -3.93 -14.32
N GLY B 270 -14.20 -4.03 -15.50
CA GLY B 270 -15.10 -5.13 -15.81
C GLY B 270 -16.30 -5.23 -14.88
N HIS B 271 -16.95 -6.39 -14.95
CA HIS B 271 -18.10 -6.67 -14.09
C HIS B 271 -18.33 -8.18 -13.97
CO CO C . 7.00 -31.37 -2.65
CO CO D . -25.95 -2.13 -19.80
#